data_3DKR
#
_entry.id   3DKR
#
_cell.length_a   47.225
_cell.length_b   47.225
_cell.length_c   174.572
_cell.angle_alpha   90.000
_cell.angle_beta   90.000
_cell.angle_gamma   120.000
#
_symmetry.space_group_name_H-M   'P 32 2 1'
#
loop_
_entity.id
_entity.type
_entity.pdbx_description
1 polymer 'Esterase D'
2 non-polymer 'ACETATE ION'
3 water water
#
_entity_poly.entity_id   1
_entity_poly.type   'polypeptide(L)'
_entity_poly.pdbx_seq_one_letter_code
;GAMGIRNSIFRKPQPFEYEGTDTGVVLLHAYTGSPNDMNFMARALQRSGYGVYVPLFSGHGTVEPLDILTKGNPDIWWAE
SSAAVAHMTAKYAKVFVFGLSLGGIFAMKALETLPGITAGGVFSSPILPGKHHLVPGFLKYAEYMNRLAGKSDESTQILA
YLPGQLAAIDQFATTVAADLNLVKQPTFIGQAGQDELVDGRLAYQLRDALINAARVDFHWYDDAKHVITVNSAHHALEED
VIAFMQQENEG
;
_entity_poly.pdbx_strand_id   A
#
loop_
_chem_comp.id
_chem_comp.type
_chem_comp.name
_chem_comp.formula
ACT non-polymer 'ACETATE ION' 'C2 H3 O2 -1'
#
# COMPACT_ATOMS: atom_id res chain seq x y z
N PHE A 10 -19.44 -7.50 -13.84
CA PHE A 10 -18.37 -7.26 -12.84
C PHE A 10 -18.40 -5.80 -12.44
N ARG A 11 -18.18 -5.52 -11.16
CA ARG A 11 -18.16 -4.13 -10.69
C ARG A 11 -16.76 -3.60 -10.52
N LYS A 12 -16.44 -2.59 -11.34
CA LYS A 12 -15.16 -1.93 -11.26
C LYS A 12 -15.07 -1.10 -9.98
N PRO A 13 -14.04 -1.35 -9.15
CA PRO A 13 -13.82 -0.42 -8.03
C PRO A 13 -13.41 0.94 -8.59
N GLN A 14 -13.81 2.01 -7.92
CA GLN A 14 -13.48 3.35 -8.35
C GLN A 14 -12.53 3.96 -7.34
N PRO A 15 -11.68 4.90 -7.76
CA PRO A 15 -10.99 5.69 -6.74
C PRO A 15 -12.06 6.41 -5.95
N PHE A 16 -11.79 6.75 -4.68
CA PHE A 16 -12.78 7.47 -3.88
C PHE A 16 -12.15 8.42 -2.88
N GLU A 17 -12.95 9.38 -2.43
CA GLU A 17 -12.45 10.46 -1.59
C GLU A 17 -13.48 10.87 -0.59
N TYR A 18 -13.05 11.02 0.66
CA TYR A 18 -13.85 11.59 1.71
C TYR A 18 -13.29 12.94 2.10
N GLU A 19 -14.17 13.93 2.19
CA GLU A 19 -13.74 15.27 2.60
C GLU A 19 -13.49 15.31 4.08
N GLY A 20 -12.47 16.07 4.48
CA GLY A 20 -12.19 16.31 5.88
C GLY A 20 -12.07 17.79 6.17
N THR A 21 -11.30 18.12 7.21
CA THR A 21 -11.10 19.52 7.59
C THR A 21 -9.60 19.83 7.66
N ASP A 22 -8.94 19.44 8.73
CA ASP A 22 -7.51 19.82 8.91
C ASP A 22 -6.53 18.81 8.32
N THR A 23 -6.85 17.52 8.41
CA THR A 23 -5.91 16.47 8.06
C THR A 23 -6.49 15.50 7.04
N GLY A 24 -5.68 15.16 6.04
CA GLY A 24 -6.06 14.23 5.00
C GLY A 24 -5.08 13.07 4.94
N VAL A 25 -5.56 11.93 4.46
CA VAL A 25 -4.76 10.71 4.41
C VAL A 25 -4.86 10.09 3.03
N VAL A 26 -3.71 9.77 2.44
CA VAL A 26 -3.65 9.03 1.18
C VAL A 26 -3.41 7.56 1.52
N LEU A 27 -4.24 6.68 0.95
CA LEU A 27 -4.14 5.23 1.18
C LEU A 27 -3.87 4.54 -0.16
N LEU A 28 -2.74 3.84 -0.23
CA LEU A 28 -2.23 3.24 -1.47
C LEU A 28 -2.35 1.72 -1.43
N HIS A 29 -3.08 1.15 -2.39
CA HIS A 29 -3.53 -0.23 -2.27
C HIS A 29 -2.50 -1.31 -2.62
N ALA A 30 -2.96 -2.57 -2.61
CA ALA A 30 -2.10 -3.74 -2.84
C ALA A 30 -1.96 -4.12 -4.31
N TYR A 31 -0.89 -4.85 -4.61
CA TYR A 31 -0.73 -5.46 -5.92
C TYR A 31 -1.83 -6.52 -6.10
N THR A 32 -2.49 -6.44 -7.26
CA THR A 32 -3.74 -7.15 -7.58
C THR A 32 -4.95 -6.66 -6.78
N GLY A 33 -4.74 -5.70 -5.89
CA GLY A 33 -5.83 -5.13 -5.11
C GLY A 33 -6.53 -4.01 -5.82
N SER A 34 -7.09 -3.09 -5.02
CA SER A 34 -7.88 -1.99 -5.55
C SER A 34 -8.26 -1.11 -4.37
N PRO A 35 -8.95 0.01 -4.64
CA PRO A 35 -9.44 0.80 -3.51
C PRO A 35 -10.25 -0.01 -2.47
N ASN A 36 -10.87 -1.14 -2.87
CA ASN A 36 -11.60 -1.96 -1.89
C ASN A 36 -10.75 -2.41 -0.71
N ASP A 37 -9.43 -2.55 -0.94
CA ASP A 37 -8.48 -2.94 0.11
C ASP A 37 -8.56 -1.97 1.29
N MET A 38 -9.01 -0.74 1.02
CA MET A 38 -8.96 0.33 2.01
C MET A 38 -10.33 0.79 2.49
N ASN A 39 -11.41 0.11 2.10
CA ASN A 39 -12.76 0.55 2.50
C ASN A 39 -12.91 0.68 4.03
N PHE A 40 -12.54 -0.35 4.76
CA PHE A 40 -12.71 -0.30 6.21
C PHE A 40 -11.85 0.80 6.84
N MET A 41 -10.59 0.87 6.41
CA MET A 41 -9.64 1.86 6.98
C MET A 41 -10.13 3.27 6.70
N ALA A 42 -10.48 3.50 5.43
CA ALA A 42 -10.96 4.81 5.00
C ALA A 42 -12.17 5.27 5.84
N ARG A 43 -13.09 4.34 6.09
CA ARG A 43 -14.28 4.65 6.87
C ARG A 43 -13.94 4.88 8.35
N ALA A 44 -13.03 4.10 8.91
CA ALA A 44 -12.57 4.34 10.28
C ALA A 44 -11.96 5.73 10.39
N LEU A 45 -11.16 6.12 9.41
CA LEU A 45 -10.56 7.45 9.42
C LEU A 45 -11.62 8.52 9.29
N GLN A 46 -12.62 8.27 8.44
CA GLN A 46 -13.72 9.21 8.29
C GLN A 46 -14.48 9.41 9.62
N ARG A 47 -14.72 8.32 10.35
CA ARG A 47 -15.44 8.43 11.63
C ARG A 47 -14.66 9.26 12.63
N SER A 48 -13.34 9.33 12.48
CA SER A 48 -12.51 10.16 13.37
C SER A 48 -12.22 11.55 12.77
N GLY A 49 -12.89 11.87 11.67
CA GLY A 49 -12.88 13.21 11.10
C GLY A 49 -11.75 13.50 10.12
N TYR A 50 -11.09 12.45 9.63
CA TYR A 50 -10.03 12.64 8.65
C TYR A 50 -10.57 12.64 7.22
N GLY A 51 -9.96 13.47 6.35
CA GLY A 51 -10.17 13.35 4.91
C GLY A 51 -9.38 12.16 4.43
N VAL A 52 -9.84 11.51 3.35
CA VAL A 52 -9.21 10.28 2.87
C VAL A 52 -9.26 10.27 1.35
N TYR A 53 -8.18 9.81 0.70
CA TYR A 53 -8.14 9.65 -0.75
C TYR A 53 -7.50 8.33 -1.09
N VAL A 54 -8.22 7.54 -1.88
CA VAL A 54 -7.83 6.18 -2.23
C VAL A 54 -7.83 6.06 -3.76
N PRO A 55 -6.68 6.31 -4.39
CA PRO A 55 -6.61 6.19 -5.85
C PRO A 55 -6.63 4.75 -6.32
N LEU A 56 -6.82 4.57 -7.62
CA LEU A 56 -6.77 3.27 -8.28
C LEU A 56 -5.50 3.20 -9.13
N PHE A 57 -4.69 2.16 -8.94
CA PHE A 57 -3.47 2.01 -9.71
C PHE A 57 -3.79 1.51 -11.12
N SER A 58 -3.06 2.04 -12.10
CA SER A 58 -3.27 1.61 -13.49
C SER A 58 -3.23 0.09 -13.59
N GLY A 59 -4.13 -0.43 -14.42
CA GLY A 59 -4.17 -1.86 -14.74
C GLY A 59 -4.98 -2.65 -13.74
N HIS A 60 -5.23 -2.09 -12.57
CA HIS A 60 -6.02 -2.76 -11.54
C HIS A 60 -7.50 -2.43 -11.67
N GLY A 61 -8.33 -3.19 -10.97
CA GLY A 61 -9.76 -2.89 -10.92
C GLY A 61 -10.52 -3.14 -12.23
N THR A 62 -9.99 -4.02 -13.08
CA THR A 62 -10.73 -4.39 -14.29
C THR A 62 -11.06 -5.87 -14.29
N VAL A 63 -11.86 -6.26 -15.27
CA VAL A 63 -12.29 -7.65 -15.43
C VAL A 63 -11.16 -8.53 -15.98
N GLU A 64 -10.08 -7.91 -16.47
CA GLU A 64 -9.02 -8.62 -17.17
C GLU A 64 -7.72 -8.58 -16.32
N PRO A 65 -7.40 -9.67 -15.60
CA PRO A 65 -6.17 -9.69 -14.78
C PRO A 65 -4.89 -9.35 -15.53
N LEU A 66 -4.82 -9.64 -16.83
CA LEU A 66 -3.65 -9.29 -17.63
C LEU A 66 -3.42 -7.78 -17.71
N ASP A 67 -4.48 -6.97 -17.51
CA ASP A 67 -4.33 -5.52 -17.51
C ASP A 67 -3.33 -5.04 -16.47
N ILE A 68 -3.25 -5.75 -15.35
CA ILE A 68 -2.27 -5.40 -14.29
C ILE A 68 -0.89 -5.49 -14.86
N LEU A 69 -0.66 -6.54 -15.65
CA LEU A 69 0.65 -6.86 -16.19
C LEU A 69 0.99 -6.06 -17.43
N THR A 70 0.00 -5.66 -18.21
CA THR A 70 0.27 -4.98 -19.50
C THR A 70 -0.02 -3.48 -19.51
N LYS A 71 -0.84 -3.00 -18.57
CA LYS A 71 -1.23 -1.58 -18.53
C LYS A 71 -0.78 -0.84 -17.27
N GLY A 72 -0.11 -1.54 -16.35
CA GLY A 72 0.47 -0.88 -15.19
C GLY A 72 1.93 -1.26 -15.06
N ASN A 73 2.68 -0.41 -14.37
CA ASN A 73 4.06 -0.68 -14.00
C ASN A 73 4.46 0.25 -12.87
N PRO A 74 5.57 -0.07 -12.20
CA PRO A 74 5.96 0.75 -11.03
C PRO A 74 6.14 2.23 -11.31
N ASP A 75 6.60 2.58 -12.51
CA ASP A 75 6.78 3.99 -12.84
C ASP A 75 5.45 4.70 -12.94
N ILE A 76 4.47 4.08 -13.58
CA ILE A 76 3.10 4.63 -13.66
C ILE A 76 2.52 4.77 -12.25
N TRP A 77 2.66 3.71 -11.46
CA TRP A 77 2.07 3.69 -10.12
C TRP A 77 2.74 4.72 -9.22
N TRP A 78 4.03 4.94 -9.43
CA TRP A 78 4.72 6.00 -8.67
C TRP A 78 4.18 7.38 -9.07
N ALA A 79 4.02 7.65 -10.36
CA ALA A 79 3.41 8.91 -10.79
C ALA A 79 2.00 9.08 -10.18
N GLU A 80 1.24 8.00 -10.14
CA GLU A 80 -0.13 8.06 -9.60
C GLU A 80 -0.11 8.35 -8.10
N SER A 81 0.83 7.74 -7.39
CA SER A 81 0.96 7.95 -5.94
C SER A 81 1.37 9.39 -5.66
N SER A 82 2.31 9.89 -6.44
CA SER A 82 2.79 11.27 -6.29
CA SER A 82 2.77 11.26 -6.23
C SER A 82 1.67 12.28 -6.55
N ALA A 83 0.89 12.02 -7.59
CA ALA A 83 -0.26 12.87 -7.91
C ALA A 83 -1.30 12.86 -6.78
N ALA A 84 -1.48 11.69 -6.17
CA ALA A 84 -2.44 11.56 -5.09
C ALA A 84 -2.00 12.38 -3.89
N VAL A 85 -0.71 12.30 -3.58
CA VAL A 85 -0.15 13.12 -2.47
C VAL A 85 -0.37 14.62 -2.75
N ALA A 86 -0.02 15.07 -3.97
CA ALA A 86 -0.18 16.49 -4.31
C ALA A 86 -1.63 16.97 -4.20
N HIS A 87 -2.56 16.12 -4.62
CA HIS A 87 -3.99 16.40 -4.54
C HIS A 87 -4.40 16.77 -3.11
N MET A 88 -3.81 16.05 -2.15
CA MET A 88 -4.18 16.17 -0.75
C MET A 88 -3.39 17.27 -0.06
N THR A 89 -2.11 17.41 -0.39
CA THR A 89 -1.32 18.51 0.21
C THR A 89 -1.77 19.88 -0.33
N ALA A 90 -2.54 19.92 -1.41
CA ALA A 90 -3.12 21.20 -1.85
C ALA A 90 -4.26 21.68 -0.95
N LYS A 91 -4.87 20.73 -0.24
CA LYS A 91 -6.16 20.94 0.45
C LYS A 91 -6.05 21.01 1.97
N TYR A 92 -5.22 20.15 2.56
CA TYR A 92 -5.21 19.90 4.00
C TYR A 92 -3.98 20.47 4.67
N ALA A 93 -4.13 20.94 5.90
CA ALA A 93 -2.98 21.45 6.66
C ALA A 93 -1.94 20.37 6.85
N LYS A 94 -2.39 19.13 7.12
CA LYS A 94 -1.50 17.99 7.32
C LYS A 94 -1.94 16.81 6.50
N VAL A 95 -0.96 16.09 5.94
CA VAL A 95 -1.25 14.93 5.11
C VAL A 95 -0.35 13.78 5.56
N PHE A 96 -0.96 12.59 5.68
CA PHE A 96 -0.29 11.34 5.96
C PHE A 96 -0.47 10.42 4.75
N VAL A 97 0.49 9.56 4.50
CA VAL A 97 0.43 8.61 3.37
C VAL A 97 0.82 7.23 3.84
N PHE A 98 -0.05 6.25 3.57
CA PHE A 98 0.17 4.85 3.97
C PHE A 98 -0.16 3.93 2.80
N GLY A 99 0.40 2.74 2.83
CA GLY A 99 0.05 1.73 1.83
C GLY A 99 0.28 0.32 2.29
N LEU A 100 -0.25 -0.63 1.50
CA LEU A 100 0.01 -2.06 1.71
C LEU A 100 1.40 -2.41 1.14
N SER A 101 1.67 -3.65 0.71
CA SER A 101 3.08 -3.93 0.30
C SER A 101 3.48 -3.06 -0.89
N LEU A 102 2.68 -3.10 -1.95
CA LEU A 102 2.97 -2.32 -3.15
C LEU A 102 2.81 -0.82 -2.85
N GLY A 103 1.63 -0.42 -2.39
CA GLY A 103 1.38 0.98 -2.07
C GLY A 103 2.40 1.52 -1.09
N GLY A 104 2.86 0.67 -0.17
CA GLY A 104 3.83 1.06 0.86
C GLY A 104 5.22 1.40 0.31
N ILE A 105 5.60 0.79 -0.81
CA ILE A 105 6.85 1.15 -1.47
C ILE A 105 6.74 2.62 -1.86
N PHE A 106 5.60 3.00 -2.45
CA PHE A 106 5.40 4.37 -2.90
C PHE A 106 5.20 5.33 -1.72
N ALA A 107 4.56 4.86 -0.65
CA ALA A 107 4.43 5.69 0.57
C ALA A 107 5.80 6.06 1.11
N MET A 108 6.70 5.09 1.15
CA MET A 108 8.05 5.34 1.65
C MET A 108 8.80 6.25 0.70
N LYS A 109 8.66 6.05 -0.62
CA LYS A 109 9.36 6.92 -1.57
C LYS A 109 8.82 8.35 -1.47
N ALA A 110 7.53 8.48 -1.18
CA ALA A 110 6.92 9.79 -0.92
C ALA A 110 7.57 10.48 0.28
N LEU A 111 7.70 9.75 1.40
CA LEU A 111 8.36 10.33 2.59
C LEU A 111 9.80 10.76 2.26
N GLU A 112 10.48 9.96 1.46
CA GLU A 112 11.87 10.25 1.09
C GLU A 112 12.03 11.46 0.17
N THR A 113 11.11 11.65 -0.77
CA THR A 113 11.38 12.54 -1.92
C THR A 113 10.35 13.64 -2.22
N LEU A 114 9.15 13.56 -1.64
CA LEU A 114 8.10 14.52 -1.96
C LEU A 114 7.91 15.50 -0.81
N PRO A 115 7.54 16.75 -1.12
CA PRO A 115 7.39 17.74 -0.07
C PRO A 115 6.04 17.73 0.64
N GLY A 116 6.00 18.33 1.82
CA GLY A 116 4.74 18.67 2.47
C GLY A 116 4.05 17.53 3.20
N ILE A 117 4.73 16.41 3.41
CA ILE A 117 4.13 15.26 4.10
C ILE A 117 4.51 15.19 5.58
N THR A 118 3.51 15.13 6.46
CA THR A 118 3.76 15.09 7.91
C THR A 118 4.35 13.77 8.38
N ALA A 119 3.78 12.66 7.92
CA ALA A 119 4.21 11.33 8.35
C ALA A 119 3.52 10.28 7.47
N GLY A 120 3.85 9.02 7.67
CA GLY A 120 3.29 7.99 6.81
C GLY A 120 3.89 6.66 7.14
N GLY A 121 3.70 5.68 6.27
CA GLY A 121 4.25 4.36 6.53
C GLY A 121 3.55 3.24 5.79
N VAL A 122 3.64 2.04 6.34
CA VAL A 122 3.21 0.85 5.64
C VAL A 122 2.35 -0.04 6.53
N PHE A 123 1.46 -0.77 5.88
CA PHE A 123 0.64 -1.77 6.52
C PHE A 123 1.10 -3.19 6.16
N SER A 124 2.17 -3.29 5.37
CA SER A 124 2.89 -4.56 5.17
C SER A 124 4.26 -4.26 4.57
N SER A 125 5.15 -5.25 4.66
CA SER A 125 6.52 -5.09 4.16
C SER A 125 6.57 -4.89 2.66
N PRO A 126 7.63 -4.24 2.17
CA PRO A 126 7.73 -4.03 0.73
C PRO A 126 7.95 -5.33 -0.04
N ILE A 127 7.75 -5.22 -1.36
CA ILE A 127 8.01 -6.29 -2.30
C ILE A 127 9.46 -6.16 -2.72
N LEU A 128 10.30 -7.05 -2.18
CA LEU A 128 11.76 -7.05 -2.43
C LEU A 128 12.22 -8.40 -2.98
N PRO A 129 13.35 -8.41 -3.71
CA PRO A 129 13.72 -9.64 -4.41
C PRO A 129 13.97 -10.80 -3.45
N GLY A 130 13.32 -11.93 -3.74
CA GLY A 130 13.50 -13.15 -3.00
C GLY A 130 12.67 -13.29 -1.73
N LYS A 131 11.86 -12.27 -1.44
CA LYS A 131 11.17 -12.17 -0.14
C LYS A 131 9.65 -12.16 -0.25
N HIS A 132 9.13 -12.76 -1.31
CA HIS A 132 7.69 -12.82 -1.52
C HIS A 132 7.21 -14.11 -2.14
N HIS A 133 5.96 -14.43 -1.84
CA HIS A 133 5.23 -15.53 -2.45
C HIS A 133 4.00 -14.93 -3.15
N LEU A 134 4.23 -14.09 -4.16
CA LEU A 134 3.15 -13.40 -4.87
C LEU A 134 2.67 -14.14 -6.12
N VAL A 135 3.44 -15.11 -6.59
CA VAL A 135 3.07 -15.79 -7.83
C VAL A 135 1.86 -16.70 -7.65
N PRO A 136 1.87 -17.57 -6.63
CA PRO A 136 0.65 -18.36 -6.42
C PRO A 136 -0.57 -17.48 -6.13
N GLY A 137 -0.36 -16.42 -5.35
CA GLY A 137 -1.42 -15.46 -5.09
C GLY A 137 -2.00 -14.85 -6.36
N PHE A 138 -1.13 -14.44 -7.27
CA PHE A 138 -1.57 -13.81 -8.52
C PHE A 138 -2.35 -14.82 -9.35
N LEU A 139 -1.79 -16.03 -9.49
CA LEU A 139 -2.46 -17.07 -10.26
C LEU A 139 -3.85 -17.38 -9.70
N LYS A 140 -3.97 -17.42 -8.38
CA LYS A 140 -5.25 -17.73 -7.73
C LYS A 140 -6.24 -16.58 -7.89
N TYR A 141 -5.75 -15.36 -7.76
CA TYR A 141 -6.53 -14.17 -8.03
C TYR A 141 -7.11 -14.22 -9.43
N ALA A 142 -6.26 -14.46 -10.42
CA ALA A 142 -6.70 -14.47 -11.82
C ALA A 142 -7.75 -15.58 -12.04
N GLU A 143 -7.52 -16.72 -11.41
CA GLU A 143 -8.44 -17.84 -11.56
C GLU A 143 -9.82 -17.53 -10.96
N TYR A 144 -9.82 -16.94 -9.76
CA TYR A 144 -11.05 -16.53 -9.11
C TYR A 144 -11.81 -15.52 -9.96
N MET A 145 -11.09 -14.52 -10.44
CA MET A 145 -11.70 -13.44 -11.21
C MET A 145 -12.25 -13.96 -12.53
N ASN A 146 -11.45 -14.71 -13.27
CA ASN A 146 -11.88 -15.22 -14.58
C ASN A 146 -13.02 -16.23 -14.48
N ARG A 147 -13.00 -17.06 -13.44
CA ARG A 147 -14.11 -17.98 -13.18
C ARG A 147 -15.41 -17.19 -13.03
N LEU A 148 -15.41 -16.21 -12.12
CA LEU A 148 -16.60 -15.37 -11.86
C LEU A 148 -17.10 -14.64 -13.12
N ALA A 149 -16.18 -14.28 -14.01
CA ALA A 149 -16.51 -13.53 -15.23
C ALA A 149 -16.82 -14.43 -16.44
N GLY A 150 -16.73 -15.75 -16.25
CA GLY A 150 -16.92 -16.68 -17.36
C GLY A 150 -15.84 -16.58 -18.43
N LYS A 151 -14.65 -16.14 -18.01
CA LYS A 151 -13.52 -16.00 -18.91
C LYS A 151 -12.64 -17.24 -18.84
N SER A 152 -11.93 -17.53 -19.93
CA SER A 152 -11.03 -18.67 -19.98
C SER A 152 -9.78 -18.42 -19.15
N ASP A 153 -9.12 -19.52 -18.81
CA ASP A 153 -7.90 -19.52 -18.00
C ASP A 153 -6.74 -18.82 -18.73
N GLU A 154 -5.97 -18.03 -18.00
CA GLU A 154 -4.90 -17.22 -18.57
C GLU A 154 -3.53 -17.52 -18.00
N SER A 155 -3.40 -18.65 -17.29
CA SER A 155 -2.16 -18.98 -16.61
C SER A 155 -0.93 -18.87 -17.52
N THR A 156 -1.05 -19.25 -18.79
CA THR A 156 0.09 -19.25 -19.69
C THR A 156 0.61 -17.84 -19.99
N GLN A 157 -0.31 -16.92 -20.29
CA GLN A 157 0.09 -15.53 -20.50
C GLN A 157 0.58 -14.90 -19.19
N ILE A 158 -0.06 -15.27 -18.07
CA ILE A 158 0.38 -14.77 -16.77
C ILE A 158 1.87 -15.09 -16.55
N LEU A 159 2.26 -16.34 -16.79
CA LEU A 159 3.66 -16.76 -16.60
C LEU A 159 4.63 -16.04 -17.53
N ALA A 160 4.13 -15.60 -18.68
CA ALA A 160 4.94 -14.86 -19.65
C ALA A 160 5.28 -13.45 -19.17
N TYR A 161 4.36 -12.83 -18.42
CA TYR A 161 4.53 -11.42 -18.01
C TYR A 161 4.86 -11.25 -16.52
N LEU A 162 4.36 -12.15 -15.67
CA LEU A 162 4.39 -11.92 -14.22
C LEU A 162 5.82 -11.86 -13.64
N PRO A 163 6.71 -12.79 -14.02
CA PRO A 163 8.07 -12.68 -13.49
C PRO A 163 8.73 -11.34 -13.81
N GLY A 164 8.49 -10.83 -15.01
CA GLY A 164 9.09 -9.58 -15.44
C GLY A 164 8.55 -8.39 -14.65
N GLN A 165 7.25 -8.40 -14.37
CA GLN A 165 6.66 -7.30 -13.57
C GLN A 165 7.12 -7.38 -12.13
N LEU A 166 7.15 -8.58 -11.54
CA LEU A 166 7.67 -8.71 -10.18
C LEU A 166 9.12 -8.22 -10.13
N ALA A 167 9.91 -8.54 -11.17
CA ALA A 167 11.30 -8.05 -11.23
C ALA A 167 11.30 -6.53 -11.24
N ALA A 168 10.39 -5.92 -12.00
CA ALA A 168 10.33 -4.46 -12.08
C ALA A 168 9.98 -3.84 -10.72
N ILE A 169 9.02 -4.46 -10.04
CA ILE A 169 8.66 -4.02 -8.69
C ILE A 169 9.83 -4.17 -7.72
N ASP A 170 10.44 -5.35 -7.70
CA ASP A 170 11.63 -5.60 -6.89
C ASP A 170 12.67 -4.48 -7.12
N GLN A 171 12.95 -4.20 -8.39
CA GLN A 171 14.00 -3.24 -8.75
C GLN A 171 13.66 -1.85 -8.21
N PHE A 172 12.43 -1.41 -8.45
CA PHE A 172 11.99 -0.09 -7.99
C PHE A 172 12.09 -0.02 -6.47
N ALA A 173 11.68 -1.10 -5.83
CA ALA A 173 11.70 -1.20 -4.37
C ALA A 173 13.14 -1.17 -3.79
N THR A 174 14.10 -1.78 -4.48
CA THR A 174 15.47 -1.73 -3.96
C THR A 174 16.00 -0.30 -3.93
N THR A 175 15.60 0.52 -4.90
CA THR A 175 16.04 1.91 -4.92
C THR A 175 15.42 2.69 -3.77
N VAL A 176 14.13 2.46 -3.54
CA VAL A 176 13.46 3.04 -2.39
C VAL A 176 14.15 2.62 -1.09
N ALA A 177 14.52 1.34 -0.98
CA ALA A 177 15.18 0.85 0.23
C ALA A 177 16.51 1.57 0.45
N ALA A 178 17.26 1.78 -0.63
CA ALA A 178 18.59 2.43 -0.55
C ALA A 178 18.49 3.89 -0.10
N ASP A 179 17.31 4.49 -0.25
CA ASP A 179 17.07 5.88 0.12
C ASP A 179 16.35 6.05 1.46
N LEU A 180 16.16 4.98 2.23
CA LEU A 180 15.43 5.08 3.49
C LEU A 180 16.10 6.04 4.49
N ASN A 181 17.41 6.23 4.35
CA ASN A 181 18.13 7.23 5.15
C ASN A 181 17.58 8.64 4.97
N LEU A 182 16.90 8.88 3.85
CA LEU A 182 16.34 10.20 3.58
C LEU A 182 15.10 10.53 4.41
N VAL A 183 14.48 9.51 5.01
CA VAL A 183 13.21 9.75 5.71
C VAL A 183 13.45 10.42 7.06
N LYS A 184 12.88 11.61 7.22
CA LYS A 184 12.96 12.34 8.49
C LYS A 184 11.65 12.26 9.29
N GLN A 185 10.54 11.97 8.62
CA GLN A 185 9.23 12.00 9.24
C GLN A 185 9.02 10.82 10.16
N PRO A 186 8.12 10.97 11.14
CA PRO A 186 7.60 9.82 11.86
C PRO A 186 7.09 8.77 10.86
N THR A 187 7.43 7.51 11.10
CA THR A 187 7.04 6.41 10.21
C THR A 187 6.32 5.30 10.99
N PHE A 188 5.21 4.87 10.41
CA PHE A 188 4.38 3.79 10.94
C PHE A 188 4.71 2.51 10.19
N ILE A 189 4.87 1.42 10.93
CA ILE A 189 5.08 0.10 10.33
C ILE A 189 4.14 -0.91 10.95
N GLY A 190 3.24 -1.47 10.14
CA GLY A 190 2.40 -2.56 10.55
C GLY A 190 2.65 -3.79 9.69
N GLN A 191 2.66 -4.96 10.31
CA GLN A 191 2.98 -6.20 9.59
C GLN A 191 2.20 -7.37 10.17
N ALA A 192 1.54 -8.11 9.29
CA ALA A 192 0.83 -9.35 9.64
C ALA A 192 1.83 -10.41 10.13
N GLY A 193 1.46 -11.11 11.21
CA GLY A 193 2.30 -12.16 11.79
C GLY A 193 2.17 -13.55 11.15
N GLN A 194 1.19 -13.73 10.27
CA GLN A 194 1.03 -14.96 9.50
C GLN A 194 0.90 -14.61 8.02
N ASP A 195 1.83 -13.77 7.58
CA ASP A 195 1.76 -13.23 6.23
C ASP A 195 2.18 -14.26 5.18
N GLU A 196 1.22 -14.63 4.35
CA GLU A 196 1.41 -15.62 3.30
C GLU A 196 1.98 -15.08 1.98
N LEU A 197 2.12 -13.76 1.87
CA LEU A 197 2.54 -13.15 0.61
C LEU A 197 3.92 -12.51 0.67
N VAL A 198 4.31 -11.95 1.81
CA VAL A 198 5.65 -11.38 1.97
C VAL A 198 6.26 -11.84 3.29
N ASP A 199 7.60 -11.86 3.31
CA ASP A 199 8.36 -12.27 4.49
C ASP A 199 8.29 -11.14 5.50
N GLY A 200 7.49 -11.31 6.55
CA GLY A 200 7.30 -10.28 7.54
C GLY A 200 8.57 -9.82 8.24
N ARG A 201 9.62 -10.63 8.20
CA ARG A 201 10.89 -10.20 8.76
C ARG A 201 11.39 -8.90 8.12
N LEU A 202 10.96 -8.63 6.90
CA LEU A 202 11.33 -7.37 6.23
C LEU A 202 10.91 -6.13 7.02
N ALA A 203 9.85 -6.25 7.82
CA ALA A 203 9.38 -5.12 8.60
C ALA A 203 10.47 -4.63 9.57
N TYR A 204 11.19 -5.58 10.16
CA TYR A 204 12.29 -5.24 11.06
C TYR A 204 13.45 -4.59 10.33
N GLN A 205 13.72 -5.06 9.12
CA GLN A 205 14.77 -4.41 8.32
C GLN A 205 14.38 -2.97 7.94
N LEU A 206 13.10 -2.76 7.63
CA LEU A 206 12.61 -1.43 7.31
C LEU A 206 12.80 -0.53 8.54
N ARG A 207 12.31 -1.00 9.69
CA ARG A 207 12.49 -0.28 10.95
C ARG A 207 13.94 0.11 11.18
N ASP A 208 14.85 -0.86 11.04
CA ASP A 208 16.26 -0.62 11.29
C ASP A 208 16.94 0.32 10.29
N ALA A 209 16.42 0.41 9.06
CA ALA A 209 17.04 1.26 8.02
C ALA A 209 16.65 2.72 8.18
N LEU A 210 15.59 2.98 8.96
CA LEU A 210 15.04 4.35 9.10
C LEU A 210 15.84 5.12 10.15
N ILE A 211 17.13 5.26 9.90
CA ILE A 211 18.04 5.77 10.94
C ILE A 211 17.82 7.26 11.26
N ASN A 212 17.21 7.99 10.33
CA ASN A 212 16.96 9.43 10.50
C ASN A 212 15.51 9.83 10.75
N ALA A 213 14.61 8.85 10.80
CA ALA A 213 13.19 9.11 11.07
C ALA A 213 13.02 9.66 12.48
N ALA A 214 12.17 10.68 12.63
CA ALA A 214 11.89 11.25 13.96
C ALA A 214 11.47 10.20 14.99
N ARG A 215 10.65 9.24 14.55
CA ARG A 215 10.26 8.07 15.33
C ARG A 215 9.79 6.98 14.37
N VAL A 216 9.83 5.75 14.86
CA VAL A 216 9.27 4.60 14.15
C VAL A 216 8.27 3.88 15.04
N ASP A 217 6.99 3.90 14.64
CA ASP A 217 5.92 3.29 15.42
C ASP A 217 5.60 1.91 14.84
N PHE A 218 6.06 0.87 15.53
CA PHE A 218 6.07 -0.49 14.98
C PHE A 218 5.01 -1.39 15.60
N HIS A 219 4.22 -2.05 14.75
CA HIS A 219 3.13 -2.91 15.20
C HIS A 219 3.09 -4.23 14.47
N TRP A 220 3.04 -5.32 15.25
CA TRP A 220 2.96 -6.69 14.75
C TRP A 220 1.55 -7.21 15.02
N TYR A 221 0.89 -7.79 14.00
CA TYR A 221 -0.50 -8.26 14.11
C TYR A 221 -0.44 -9.78 14.13
N ASP A 222 -0.36 -10.30 15.35
CA ASP A 222 0.09 -11.68 15.63
CA ASP A 222 0.17 -11.66 15.54
C ASP A 222 -0.42 -12.79 14.72
N ASP A 223 -1.74 -12.94 14.68
CA ASP A 223 -2.32 -14.12 13.99
C ASP A 223 -2.90 -13.83 12.62
N ALA A 224 -2.64 -12.63 12.10
CA ALA A 224 -3.34 -12.17 10.93
C ALA A 224 -2.61 -12.54 9.64
N LYS A 225 -3.37 -12.83 8.59
CA LYS A 225 -2.84 -12.99 7.24
C LYS A 225 -2.53 -11.60 6.66
N HIS A 226 -2.09 -11.58 5.42
CA HIS A 226 -1.46 -10.39 4.85
C HIS A 226 -2.27 -9.12 4.91
N VAL A 227 -3.52 -9.17 4.48
CA VAL A 227 -4.28 -7.94 4.21
C VAL A 227 -4.95 -7.48 5.49
N ILE A 228 -4.14 -6.90 6.37
CA ILE A 228 -4.60 -6.50 7.70
C ILE A 228 -5.59 -5.34 7.71
N THR A 229 -5.78 -4.67 6.58
CA THR A 229 -6.81 -3.63 6.46
C THR A 229 -8.21 -4.22 6.31
N VAL A 230 -8.30 -5.51 5.99
CA VAL A 230 -9.58 -6.16 5.73
C VAL A 230 -9.88 -7.31 6.70
N ASN A 231 -8.85 -8.03 7.16
CA ASN A 231 -9.06 -9.21 8.00
C ASN A 231 -9.24 -8.84 9.46
N SER A 232 -9.24 -9.84 10.36
CA SER A 232 -9.57 -9.59 11.77
C SER A 232 -8.65 -8.60 12.47
N ALA A 233 -7.49 -8.32 11.89
CA ALA A 233 -6.56 -7.35 12.47
C ALA A 233 -7.00 -5.90 12.25
N HIS A 234 -8.02 -5.67 11.44
CA HIS A 234 -8.26 -4.31 10.93
C HIS A 234 -8.71 -3.33 12.02
N HIS A 235 -9.48 -3.76 13.02
CA HIS A 235 -9.82 -2.81 14.09
C HIS A 235 -8.59 -2.34 14.87
N ALA A 236 -7.71 -3.27 15.19
CA ALA A 236 -6.48 -2.94 15.90
C ALA A 236 -5.63 -2.01 15.06
N LEU A 237 -5.50 -2.32 13.78
CA LEU A 237 -4.68 -1.49 12.89
C LEU A 237 -5.21 -0.08 12.85
N GLU A 238 -6.52 0.05 12.69
CA GLU A 238 -7.17 1.37 12.63
C GLU A 238 -6.89 2.16 13.89
N GLU A 239 -7.07 1.53 15.05
CA GLU A 239 -6.74 2.20 16.31
C GLU A 239 -5.28 2.65 16.37
N ASP A 240 -4.37 1.78 15.94
CA ASP A 240 -2.93 2.08 15.98
C ASP A 240 -2.58 3.25 15.04
N VAL A 241 -3.16 3.23 13.84
CA VAL A 241 -2.90 4.29 12.85
C VAL A 241 -3.43 5.64 13.33
N ILE A 242 -4.63 5.62 13.90
CA ILE A 242 -5.23 6.83 14.42
C ILE A 242 -4.40 7.37 15.59
N ALA A 243 -3.96 6.48 16.48
CA ALA A 243 -3.08 6.91 17.58
C ALA A 243 -1.79 7.57 17.06
N PHE A 244 -1.23 6.98 16.01
CA PHE A 244 -0.02 7.48 15.37
C PHE A 244 -0.21 8.90 14.84
N MET A 245 -1.33 9.12 14.15
CA MET A 245 -1.64 10.43 13.63
C MET A 245 -1.91 11.44 14.74
N GLN A 246 -2.60 10.99 15.79
CA GLN A 246 -2.96 11.90 16.88
C GLN A 246 -1.76 12.38 17.67
N GLN A 247 -0.68 11.59 17.66
CA GLN A 247 0.59 12.04 18.24
C GLN A 247 1.16 13.31 17.60
N GLU A 248 0.74 13.62 16.37
CA GLU A 248 1.12 14.89 15.73
C GLU A 248 0.34 16.14 16.17
N ASN A 249 -0.68 15.95 17.01
CA ASN A 249 -1.41 17.10 17.55
C ASN A 249 -0.57 17.85 18.57
N GLU A 250 -0.87 19.12 18.75
CA GLU A 250 -0.18 19.94 19.75
C GLU A 250 -0.70 19.63 21.14
C ACT B . 0.35 -6.09 -1.55
O ACT B . 0.73 -5.18 -2.36
OXT ACT B . 0.10 -5.78 -0.35
CH3 ACT B . 0.17 -7.51 -2.01
C ACT C . 6.94 -15.25 -5.75
O ACT C . 5.99 -16.05 -5.80
OXT ACT C . 6.64 -14.06 -5.53
CH3 ACT C . 8.36 -15.68 -5.98
#